data_6I8Z
#
_entry.id   6I8Z
#
_cell.length_a   48.050
_cell.length_b   77.090
_cell.length_c   82.710
_cell.angle_alpha   90.000
_cell.angle_beta   90.000
_cell.angle_gamma   90.000
#
_symmetry.space_group_name_H-M   'P 21 21 21'
#
loop_
_entity.id
_entity.type
_entity.pdbx_description
1 polymer 'Focal adhesion kinase 1'
2 non-polymer 3-methoxy-~{N}-(1-methylpiperidin-1-ium-4-yl)-4-[[4-[(3-oxidanylidene-1,2-dihydroinden-4-yl)oxy]-5-(trifluoromethyl)pyrimidin-2-yl]amino]benzamide
3 water water
#
_entity_poly.entity_id   1
_entity_poly.type   'polypeptide(L)'
_entity_poly.pdbx_seq_one_letter_code
;GSSTRDYEIQRERIELGRCIGEGQFGDVHQGIYMSPENPALAVAIKTCKNCTSDSVREKFLQEALTMRQFDHPHIVKLIG
VITENPVWIIMELCTLGELRSFLQVRKYSLDLASLILYAYQLSTALAYLESKRFVHRDIAARNVLVSSNDCVKLGDFGLS
RYMEDSTYYKASKGKLPIKWMAPESINFRRFTSASDVWMFGVCMWEILMHGVKPFQGVKNNDVIGRIENGERLPMPPNCP
PTLYSLMTKCWAYDPSRRPRFTELKAQLSTILEEEKAQQEE
;
_entity_poly.pdbx_strand_id   A
#
# COMPACT_ATOMS: atom_id res chain seq x y z
N ASP A 6 -10.41 4.68 -24.62
CA ASP A 6 -9.88 3.33 -24.74
C ASP A 6 -8.52 3.23 -24.02
N TYR A 7 -8.22 2.03 -23.46
CA TYR A 7 -6.99 1.77 -22.70
C TYR A 7 -5.84 1.09 -23.50
N GLU A 8 -6.07 0.70 -24.77
CA GLU A 8 -5.01 0.06 -25.58
C GLU A 8 -3.95 1.11 -25.94
N ILE A 9 -2.67 0.82 -25.67
CA ILE A 9 -1.54 1.72 -25.94
C ILE A 9 -0.69 1.12 -27.03
N GLN A 10 -0.22 1.96 -27.96
CA GLN A 10 0.65 1.53 -29.06
C GLN A 10 2.06 1.38 -28.45
N ARG A 11 2.75 0.27 -28.75
CA ARG A 11 4.06 -0.02 -28.14
C ARG A 11 5.14 1.03 -28.43
N GLU A 12 5.10 1.65 -29.61
CA GLU A 12 6.08 2.68 -30.02
C GLU A 12 6.00 3.94 -29.12
N ARG A 13 4.87 4.18 -28.42
CA ARG A 13 4.73 5.31 -27.50
C ARG A 13 5.37 5.06 -26.13
N ILE A 14 5.80 3.82 -25.83
CA ILE A 14 6.41 3.44 -24.55
C ILE A 14 7.91 3.21 -24.73
N GLU A 15 8.72 3.83 -23.86
CA GLU A 15 10.16 3.61 -23.81
C GLU A 15 10.45 2.90 -22.49
N LEU A 16 10.89 1.64 -22.55
CA LEU A 16 11.16 0.82 -21.37
C LEU A 16 12.46 1.26 -20.70
N GLY A 17 12.38 1.67 -19.42
CA GLY A 17 13.53 2.11 -18.64
C GLY A 17 14.05 1.05 -17.69
N ARG A 18 14.71 1.47 -16.60
CA ARG A 18 15.31 0.53 -15.65
C ARG A 18 14.28 -0.26 -14.84
N CYS A 19 14.69 -1.45 -14.41
CA CYS A 19 13.87 -2.33 -13.57
C CYS A 19 13.70 -1.69 -12.17
N ILE A 20 12.46 -1.63 -11.68
CA ILE A 20 12.14 -1.04 -10.36
C ILE A 20 11.62 -2.09 -9.37
N GLY A 21 11.35 -3.30 -9.83
CA GLY A 21 10.83 -4.33 -8.95
C GLY A 21 10.46 -5.59 -9.70
N GLU A 22 9.84 -6.52 -8.98
CA GLU A 22 9.40 -7.79 -9.53
C GLU A 22 8.00 -8.06 -9.04
N GLY A 23 7.22 -8.73 -9.88
CA GLY A 23 5.88 -9.18 -9.54
C GLY A 23 5.78 -10.64 -9.90
N GLN A 24 4.66 -11.27 -9.54
CA GLN A 24 4.39 -12.69 -9.82
C GLN A 24 4.63 -13.05 -11.30
N PHE A 25 4.21 -12.18 -12.23
CA PHE A 25 4.32 -12.42 -13.67
C PHE A 25 5.62 -11.98 -14.33
N GLY A 26 6.36 -11.06 -13.72
CA GLY A 26 7.59 -10.59 -14.33
C GLY A 26 8.13 -9.29 -13.74
N ASP A 27 9.21 -8.79 -14.33
CA ASP A 27 9.85 -7.56 -13.87
C ASP A 27 8.96 -6.32 -14.08
N VAL A 28 9.10 -5.34 -13.20
CA VAL A 28 8.37 -4.08 -13.27
C VAL A 28 9.46 -3.05 -13.62
N HIS A 29 9.19 -2.20 -14.61
CA HIS A 29 10.14 -1.18 -15.06
C HIS A 29 9.57 0.21 -14.92
N GLN A 30 10.44 1.22 -14.87
CA GLN A 30 9.99 2.59 -14.97
C GLN A 30 10.19 2.86 -16.47
N GLY A 31 9.50 3.85 -16.98
CA GLY A 31 9.62 4.19 -18.38
C GLY A 31 8.97 5.51 -18.71
N ILE A 32 8.84 5.79 -19.99
CA ILE A 32 8.27 7.04 -20.46
C ILE A 32 7.15 6.71 -21.44
N TYR A 33 6.03 7.43 -21.32
CA TYR A 33 4.89 7.30 -22.20
C TYR A 33 4.71 8.66 -22.89
N MET A 34 4.67 8.64 -24.22
CA MET A 34 4.52 9.86 -25.02
C MET A 34 3.09 9.81 -25.57
N SER A 35 2.13 10.44 -24.86
CA SER A 35 0.72 10.42 -25.29
C SER A 35 0.55 11.28 -26.54
N PRO A 36 -0.50 11.04 -27.37
CA PRO A 36 -0.67 11.83 -28.59
C PRO A 36 -0.77 13.34 -28.37
N GLU A 37 -1.59 13.77 -27.39
CA GLU A 37 -1.83 15.19 -27.10
C GLU A 37 -1.16 15.73 -25.83
N ASN A 38 -0.57 14.88 -24.97
CA ASN A 38 0.07 15.42 -23.76
C ASN A 38 1.50 14.81 -23.40
N PRO A 39 2.53 15.12 -24.25
CA PRO A 39 3.94 14.72 -24.06
C PRO A 39 4.44 13.85 -22.87
N ALA A 40 5.79 13.79 -22.72
CA ALA A 40 6.54 12.97 -21.73
C ALA A 40 5.90 12.78 -20.35
N LEU A 41 5.31 11.59 -20.14
CA LEU A 41 4.74 11.20 -18.86
C LEU A 41 5.55 10.03 -18.31
N ALA A 42 6.06 10.14 -17.08
CA ALA A 42 6.80 9.04 -16.47
C ALA A 42 5.77 7.97 -16.06
N VAL A 43 6.03 6.69 -16.38
CA VAL A 43 5.11 5.58 -16.10
C VAL A 43 5.85 4.37 -15.53
N ALA A 44 5.08 3.47 -14.89
CA ALA A 44 5.59 2.19 -14.40
C ALA A 44 5.04 1.14 -15.37
N ILE A 45 5.84 0.14 -15.76
CA ILE A 45 5.45 -0.88 -16.74
C ILE A 45 5.58 -2.26 -16.13
N LYS A 46 4.44 -2.94 -15.94
CA LYS A 46 4.47 -4.32 -15.45
C LYS A 46 4.62 -5.19 -16.68
N THR A 47 5.55 -6.14 -16.64
CA THR A 47 5.79 -7.08 -17.73
C THR A 47 5.32 -8.47 -17.33
N CYS A 48 5.19 -9.36 -18.30
CA CYS A 48 4.67 -10.70 -18.07
C CYS A 48 5.40 -11.69 -18.98
N LYS A 49 6.31 -12.48 -18.39
CA LYS A 49 7.17 -13.42 -19.12
C LYS A 49 6.39 -14.52 -19.83
N ASN A 50 5.29 -15.01 -19.24
CA ASN A 50 4.54 -16.14 -19.78
C ASN A 50 3.18 -15.81 -20.37
N CYS A 51 2.91 -14.57 -20.85
CA CYS A 51 1.56 -14.51 -21.39
C CYS A 51 1.42 -14.64 -22.93
N THR A 52 2.26 -15.54 -23.49
CA THR A 52 2.08 -16.10 -24.83
C THR A 52 0.96 -17.14 -24.62
N SER A 53 0.81 -17.64 -23.36
CA SER A 53 -0.27 -18.54 -22.94
C SER A 53 -1.47 -17.68 -22.48
N ASP A 54 -2.66 -17.90 -23.05
CA ASP A 54 -3.85 -17.09 -22.70
C ASP A 54 -4.31 -17.27 -21.24
N SER A 55 -4.00 -18.42 -20.61
CA SER A 55 -4.34 -18.67 -19.20
C SER A 55 -3.60 -17.66 -18.29
N VAL A 56 -2.34 -17.36 -18.62
CA VAL A 56 -1.51 -16.41 -17.87
C VAL A 56 -1.97 -14.98 -18.23
N ARG A 57 -2.23 -14.74 -19.54
CA ARG A 57 -2.67 -13.45 -20.08
C ARG A 57 -3.92 -12.96 -19.39
N GLU A 58 -4.91 -13.86 -19.25
CA GLU A 58 -6.17 -13.49 -18.60
C GLU A 58 -5.96 -13.10 -17.13
N LYS A 59 -5.12 -13.85 -16.40
CA LYS A 59 -4.84 -13.54 -14.99
C LYS A 59 -4.06 -12.23 -14.85
N PHE A 60 -3.08 -12.00 -15.75
CA PHE A 60 -2.26 -10.78 -15.74
C PHE A 60 -3.14 -9.57 -16.07
N LEU A 61 -3.86 -9.59 -17.20
CA LEU A 61 -4.71 -8.47 -17.61
C LEU A 61 -5.88 -8.22 -16.68
N GLN A 62 -6.34 -9.24 -15.90
CA GLN A 62 -7.39 -9.05 -14.90
C GLN A 62 -6.88 -8.09 -13.79
N GLU A 63 -5.55 -8.08 -13.53
CA GLU A 63 -4.96 -7.17 -12.55
C GLU A 63 -5.12 -5.71 -13.01
N ALA A 64 -5.04 -5.45 -14.34
CA ALA A 64 -5.25 -4.11 -14.89
C ALA A 64 -6.73 -3.72 -14.75
N LEU A 65 -7.65 -4.66 -15.08
CA LEU A 65 -9.10 -4.47 -14.90
C LEU A 65 -9.42 -4.15 -13.44
N THR A 66 -8.71 -4.77 -12.49
CA THR A 66 -8.90 -4.52 -11.05
C THR A 66 -8.59 -3.07 -10.68
N MET A 67 -7.50 -2.51 -11.20
CA MET A 67 -7.13 -1.11 -10.90
C MET A 67 -8.00 -0.12 -11.68
N ARG A 68 -8.53 -0.53 -12.86
CA ARG A 68 -9.41 0.30 -13.72
C ARG A 68 -10.65 0.77 -12.97
N GLN A 69 -11.24 -0.10 -12.11
CA GLN A 69 -12.45 0.24 -11.36
C GLN A 69 -12.24 1.28 -10.26
N PHE A 70 -10.99 1.56 -9.84
CA PHE A 70 -10.72 2.53 -8.76
C PHE A 70 -10.19 3.86 -9.28
N ASP A 71 -10.63 4.96 -8.66
CA ASP A 71 -10.23 6.32 -9.01
C ASP A 71 -10.13 7.14 -7.72
N HIS A 72 -8.93 7.16 -7.11
CA HIS A 72 -8.70 7.88 -5.86
C HIS A 72 -7.32 8.56 -5.89
N PRO A 73 -7.12 9.73 -5.23
CA PRO A 73 -5.79 10.35 -5.29
C PRO A 73 -4.65 9.57 -4.62
N HIS A 74 -4.95 8.64 -3.69
CA HIS A 74 -3.93 7.89 -2.98
C HIS A 74 -3.93 6.38 -3.32
N ILE A 75 -4.30 6.06 -4.55
CA ILE A 75 -4.22 4.71 -5.10
C ILE A 75 -3.63 4.89 -6.50
N VAL A 76 -2.57 4.13 -6.86
CA VAL A 76 -1.98 4.24 -8.20
C VAL A 76 -3.04 3.97 -9.26
N LYS A 77 -2.99 4.74 -10.35
CA LYS A 77 -3.95 4.62 -11.44
C LYS A 77 -3.40 3.80 -12.60
N LEU A 78 -4.34 3.20 -13.35
CA LEU A 78 -4.04 2.48 -14.58
C LEU A 78 -3.98 3.53 -15.69
N ILE A 79 -2.97 3.45 -16.54
CA ILE A 79 -2.85 4.35 -17.69
C ILE A 79 -3.35 3.59 -18.94
N GLY A 80 -2.93 2.33 -19.09
CA GLY A 80 -3.36 1.50 -20.21
C GLY A 80 -2.68 0.16 -20.27
N VAL A 81 -2.92 -0.57 -21.37
CA VAL A 81 -2.39 -1.91 -21.59
C VAL A 81 -1.94 -2.10 -23.03
N ILE A 82 -1.04 -3.06 -23.23
CA ILE A 82 -0.59 -3.51 -24.55
C ILE A 82 -0.89 -4.99 -24.49
N THR A 83 -1.98 -5.40 -25.12
CA THR A 83 -2.50 -6.77 -25.00
C THR A 83 -1.87 -7.79 -25.96
N GLU A 84 -0.89 -7.41 -26.80
CA GLU A 84 -0.21 -8.41 -27.64
C GLU A 84 1.21 -8.64 -27.10
N ASN A 85 1.78 -9.81 -27.40
CA ASN A 85 3.08 -10.21 -26.86
C ASN A 85 4.25 -9.30 -27.27
N PRO A 86 5.13 -8.85 -26.34
CA PRO A 86 5.09 -9.02 -24.88
C PRO A 86 4.00 -8.14 -24.25
N VAL A 87 3.10 -8.76 -23.47
CA VAL A 87 1.95 -8.07 -22.86
C VAL A 87 2.43 -7.18 -21.73
N TRP A 88 1.99 -5.90 -21.71
CA TRP A 88 2.38 -4.94 -20.67
C TRP A 88 1.17 -4.21 -20.10
N ILE A 89 1.28 -3.77 -18.83
CA ILE A 89 0.29 -2.93 -18.17
C ILE A 89 1.04 -1.64 -17.82
N ILE A 90 0.52 -0.49 -18.27
CA ILE A 90 1.13 0.81 -18.06
C ILE A 90 0.42 1.45 -16.89
N MET A 91 1.16 1.78 -15.84
CA MET A 91 0.60 2.38 -14.65
C MET A 91 1.25 3.73 -14.41
N GLU A 92 0.63 4.52 -13.53
CA GLU A 92 1.17 5.79 -13.05
C GLU A 92 2.49 5.48 -12.32
N LEU A 93 3.50 6.36 -12.43
CA LEU A 93 4.76 6.15 -11.72
C LEU A 93 4.77 7.02 -10.48
N CYS A 94 5.15 6.44 -9.34
CA CYS A 94 5.35 7.16 -8.07
C CYS A 94 6.86 7.30 -8.03
N THR A 95 7.37 8.48 -8.47
CA THR A 95 8.80 8.71 -8.70
C THR A 95 9.72 8.53 -7.50
N LEU A 96 9.26 8.72 -6.25
CA LEU A 96 10.14 8.58 -5.09
C LEU A 96 10.23 7.14 -4.55
N GLY A 97 9.57 6.20 -5.23
CA GLY A 97 9.70 4.79 -4.95
C GLY A 97 8.94 4.24 -3.77
N GLU A 98 9.49 3.17 -3.20
CA GLU A 98 8.90 2.42 -2.09
C GLU A 98 9.01 3.19 -0.77
N LEU A 99 7.92 3.17 0.02
CA LEU A 99 7.81 3.88 1.29
C LEU A 99 8.85 3.43 2.31
N ARG A 100 9.09 2.11 2.46
CA ARG A 100 10.05 1.64 3.46
C ARG A 100 11.44 2.27 3.28
N SER A 101 11.99 2.20 2.06
CA SER A 101 13.30 2.79 1.74
C SER A 101 13.28 4.32 1.94
N PHE A 102 12.18 4.98 1.52
CA PHE A 102 12.00 6.41 1.65
C PHE A 102 12.06 6.83 3.12
N LEU A 103 11.36 6.12 3.99
CA LEU A 103 11.36 6.43 5.43
C LEU A 103 12.70 6.10 6.09
N GLN A 104 13.40 5.04 5.65
CA GLN A 104 14.70 4.68 6.25
C GLN A 104 15.73 5.75 5.91
N VAL A 105 15.79 6.12 4.63
CA VAL A 105 16.72 7.15 4.14
C VAL A 105 16.45 8.50 4.83
N ARG A 106 15.18 8.84 5.03
CA ARG A 106 14.78 10.12 5.64
C ARG A 106 14.40 9.99 7.12
N LYS A 107 14.94 8.99 7.84
CA LYS A 107 14.64 8.76 9.26
C LYS A 107 14.84 9.99 10.13
N TYR A 108 15.90 10.77 9.87
CA TYR A 108 16.26 11.95 10.65
C TYR A 108 15.93 13.29 9.99
N SER A 109 15.28 13.28 8.81
CA SER A 109 14.87 14.50 8.11
C SER A 109 13.35 14.67 8.02
N LEU A 110 12.54 13.58 8.03
CA LEU A 110 11.08 13.71 7.96
C LEU A 110 10.48 14.09 9.31
N ASP A 111 9.71 15.17 9.33
CA ASP A 111 9.02 15.62 10.53
C ASP A 111 7.85 14.67 10.87
N LEU A 112 7.42 14.68 12.11
CA LEU A 112 6.31 13.85 12.58
C LEU A 112 4.99 14.16 11.83
N ALA A 113 4.74 15.44 11.44
CA ALA A 113 3.53 15.79 10.68
C ALA A 113 3.49 15.07 9.33
N SER A 114 4.65 14.89 8.66
CA SER A 114 4.69 14.15 7.40
C SER A 114 4.34 12.66 7.61
N LEU A 115 4.79 12.06 8.71
CA LEU A 115 4.49 10.65 9.00
C LEU A 115 2.99 10.47 9.27
N ILE A 116 2.39 11.41 10.02
CA ILE A 116 0.95 11.37 10.32
C ILE A 116 0.17 11.61 9.03
N LEU A 117 0.65 12.55 8.19
CA LEU A 117 0.02 12.82 6.90
C LEU A 117 -0.04 11.54 6.06
N TYR A 118 1.05 10.75 6.03
CA TYR A 118 1.07 9.50 5.25
C TYR A 118 0.06 8.51 5.79
N ALA A 119 -0.04 8.36 7.13
CA ALA A 119 -1.04 7.46 7.71
C ALA A 119 -2.45 7.93 7.32
N TYR A 120 -2.71 9.25 7.45
CA TYR A 120 -4.01 9.83 7.11
C TYR A 120 -4.36 9.59 5.63
N GLN A 121 -3.45 9.90 4.71
CA GLN A 121 -3.70 9.69 3.27
C GLN A 121 -4.05 8.23 2.97
N LEU A 122 -3.35 7.28 3.60
CA LEU A 122 -3.64 5.86 3.39
C LEU A 122 -5.03 5.49 3.95
N SER A 123 -5.43 6.07 5.10
CA SER A 123 -6.76 5.82 5.65
C SER A 123 -7.88 6.32 4.70
N THR A 124 -7.64 7.42 3.92
CA THR A 124 -8.63 7.93 2.95
C THR A 124 -8.80 6.93 1.80
N ALA A 125 -7.68 6.34 1.32
CA ALA A 125 -7.71 5.34 0.25
C ALA A 125 -8.42 4.06 0.76
N LEU A 126 -8.17 3.66 2.01
CA LEU A 126 -8.80 2.45 2.56
C LEU A 126 -10.28 2.66 2.89
N ALA A 127 -10.67 3.87 3.35
CA ALA A 127 -12.08 4.17 3.59
C ALA A 127 -12.81 4.16 2.23
N TYR A 128 -12.14 4.68 1.18
CA TYR A 128 -12.67 4.67 -0.17
C TYR A 128 -12.88 3.22 -0.65
N LEU A 129 -11.86 2.34 -0.51
CA LEU A 129 -11.98 0.94 -0.94
C LEU A 129 -13.07 0.18 -0.18
N GLU A 130 -13.24 0.49 1.11
CA GLU A 130 -14.32 -0.11 1.89
C GLU A 130 -15.68 0.35 1.33
N SER A 131 -15.81 1.63 0.90
CA SER A 131 -17.07 2.11 0.31
C SER A 131 -17.36 1.41 -1.03
N LYS A 132 -16.32 0.85 -1.70
CA LYS A 132 -16.45 0.07 -2.92
C LYS A 132 -16.54 -1.45 -2.64
N ARG A 133 -16.63 -1.85 -1.33
CA ARG A 133 -16.74 -3.24 -0.88
C ARG A 133 -15.52 -4.09 -1.33
N PHE A 134 -14.32 -3.48 -1.33
CA PHE A 134 -13.09 -4.15 -1.73
C PHE A 134 -12.26 -4.43 -0.47
N VAL A 135 -11.94 -5.71 -0.23
CA VAL A 135 -11.12 -6.14 0.90
C VAL A 135 -9.72 -6.36 0.33
N HIS A 136 -8.75 -5.54 0.76
CA HIS A 136 -7.40 -5.56 0.21
C HIS A 136 -6.57 -6.80 0.56
N ARG A 137 -6.48 -7.15 1.85
CA ARG A 137 -5.71 -8.31 2.37
C ARG A 137 -4.19 -8.14 2.41
N ASP A 138 -3.61 -7.08 1.84
CA ASP A 138 -2.15 -6.92 1.81
C ASP A 138 -1.73 -5.52 2.20
N ILE A 139 -2.28 -4.99 3.31
CA ILE A 139 -1.94 -3.65 3.77
C ILE A 139 -0.63 -3.75 4.57
N ALA A 140 0.42 -3.12 4.06
CA ALA A 140 1.74 -3.19 4.66
C ALA A 140 2.58 -2.10 4.03
N ALA A 141 3.59 -1.60 4.75
CA ALA A 141 4.45 -0.52 4.25
C ALA A 141 5.16 -0.88 2.91
N ARG A 142 5.50 -2.17 2.69
CA ARG A 142 6.14 -2.61 1.44
C ARG A 142 5.26 -2.36 0.19
N ASN A 143 3.94 -2.26 0.37
CA ASN A 143 2.99 -2.02 -0.73
C ASN A 143 2.56 -0.57 -0.90
N VAL A 144 3.24 0.38 -0.21
CA VAL A 144 2.93 1.80 -0.30
C VAL A 144 4.04 2.48 -1.10
N LEU A 145 3.67 3.38 -2.01
CA LEU A 145 4.65 4.10 -2.85
C LEU A 145 4.62 5.58 -2.51
N VAL A 146 5.70 6.30 -2.85
CA VAL A 146 5.82 7.71 -2.57
C VAL A 146 5.80 8.48 -3.87
N SER A 147 4.72 9.25 -4.09
CA SER A 147 4.54 10.07 -5.30
C SER A 147 5.35 11.35 -5.16
N SER A 148 5.37 11.94 -3.97
CA SER A 148 6.13 13.16 -3.66
C SER A 148 6.32 13.23 -2.14
N ASN A 149 7.02 14.28 -1.65
CA ASN A 149 7.26 14.46 -0.21
C ASN A 149 5.95 14.56 0.60
N ASP A 150 4.86 15.08 0.00
CA ASP A 150 3.56 15.22 0.67
C ASP A 150 2.47 14.31 0.07
N CYS A 151 2.84 13.19 -0.60
CA CYS A 151 1.85 12.29 -1.19
C CYS A 151 2.32 10.84 -1.28
N VAL A 152 1.59 9.93 -0.61
CA VAL A 152 1.85 8.49 -0.68
C VAL A 152 0.62 7.86 -1.31
N LYS A 153 0.80 6.70 -1.96
CA LYS A 153 -0.31 5.98 -2.58
C LYS A 153 -0.19 4.49 -2.37
N LEU A 154 -1.34 3.81 -2.36
CA LEU A 154 -1.39 2.35 -2.31
C LEU A 154 -0.86 1.91 -3.67
N GLY A 155 0.07 0.97 -3.69
CA GLY A 155 0.63 0.44 -4.92
C GLY A 155 -0.32 -0.46 -5.68
N ASP A 156 0.14 -1.02 -6.81
CA ASP A 156 -0.68 -1.92 -7.63
C ASP A 156 -1.14 -3.12 -6.80
N PHE A 157 -2.42 -3.51 -6.90
CA PHE A 157 -2.94 -4.61 -6.07
C PHE A 157 -2.37 -5.95 -6.47
N GLY A 158 -2.00 -6.13 -7.75
CA GLY A 158 -1.33 -7.33 -8.20
C GLY A 158 0.09 -7.44 -7.65
N LEU A 159 0.84 -6.32 -7.68
CA LEU A 159 2.19 -6.29 -7.13
C LEU A 159 2.17 -6.37 -5.60
N SER A 160 1.04 -5.99 -4.96
CA SER A 160 0.94 -6.04 -3.51
C SER A 160 0.78 -7.48 -2.92
N ARG A 161 0.41 -8.49 -3.72
CA ARG A 161 0.26 -9.88 -3.22
C ARG A 161 1.62 -10.52 -2.96
N LEU A 176 2.86 -16.29 3.16
CA LEU A 176 1.78 -15.51 3.76
C LEU A 176 2.38 -14.40 4.64
N PRO A 177 1.83 -13.18 4.63
CA PRO A 177 2.38 -12.12 5.49
C PRO A 177 1.79 -12.21 6.90
N ILE A 178 2.13 -13.30 7.60
CA ILE A 178 1.61 -13.62 8.95
C ILE A 178 1.80 -12.45 9.93
N LYS A 179 2.95 -11.78 9.88
CA LYS A 179 3.29 -10.69 10.81
C LYS A 179 2.39 -9.45 10.66
N TRP A 180 1.65 -9.32 9.54
CA TRP A 180 0.73 -8.23 9.28
C TRP A 180 -0.73 -8.64 9.44
N MET A 181 -1.03 -9.94 9.48
CA MET A 181 -2.40 -10.44 9.45
C MET A 181 -3.15 -10.44 10.78
N ALA A 182 -4.47 -10.28 10.69
CA ALA A 182 -5.37 -10.32 11.85
C ALA A 182 -5.45 -11.76 12.37
N PRO A 183 -5.72 -12.00 13.67
CA PRO A 183 -5.80 -13.39 14.15
C PRO A 183 -6.82 -14.26 13.39
N GLU A 184 -8.01 -13.73 13.08
CA GLU A 184 -9.03 -14.50 12.34
C GLU A 184 -8.60 -14.82 10.90
N SER A 185 -7.73 -13.97 10.30
CA SER A 185 -7.21 -14.25 8.95
C SER A 185 -6.19 -15.41 9.04
N ILE A 186 -5.35 -15.42 10.09
CA ILE A 186 -4.36 -16.49 10.27
C ILE A 186 -5.06 -17.79 10.68
N ASN A 187 -5.92 -17.71 11.70
CA ASN A 187 -6.61 -18.90 12.25
C ASN A 187 -7.63 -19.53 11.30
N PHE A 188 -8.53 -18.72 10.71
CA PHE A 188 -9.63 -19.25 9.90
C PHE A 188 -9.75 -18.69 8.49
N ARG A 189 -8.72 -17.99 7.97
CA ARG A 189 -8.76 -17.40 6.62
C ARG A 189 -9.96 -16.46 6.41
N ARG A 190 -10.38 -15.74 7.48
CA ARG A 190 -11.47 -14.77 7.38
C ARG A 190 -10.85 -13.44 7.00
N PHE A 191 -11.37 -12.84 5.91
CA PHE A 191 -10.88 -11.58 5.37
C PHE A 191 -12.03 -10.59 5.21
N THR A 192 -12.03 -9.53 6.00
CA THR A 192 -13.08 -8.49 5.95
C THR A 192 -12.42 -7.13 6.10
N SER A 193 -13.23 -6.07 6.13
CA SER A 193 -12.69 -4.71 6.31
C SER A 193 -12.06 -4.61 7.71
N ALA A 194 -12.61 -5.35 8.71
CA ALA A 194 -12.07 -5.36 10.06
C ALA A 194 -10.67 -6.00 10.10
N SER A 195 -10.41 -7.03 9.28
CA SER A 195 -9.07 -7.62 9.24
C SER A 195 -8.11 -6.64 8.53
N ASP A 196 -8.58 -5.84 7.52
CA ASP A 196 -7.74 -4.82 6.85
C ASP A 196 -7.40 -3.71 7.87
N VAL A 197 -8.33 -3.40 8.81
CA VAL A 197 -8.06 -2.40 9.87
C VAL A 197 -6.86 -2.89 10.73
N TRP A 198 -6.84 -4.18 11.13
CA TRP A 198 -5.69 -4.72 11.88
C TRP A 198 -4.40 -4.49 11.10
N MET A 199 -4.40 -4.86 9.81
CA MET A 199 -3.24 -4.71 8.92
C MET A 199 -2.84 -3.24 8.80
N PHE A 200 -3.81 -2.33 8.66
CA PHE A 200 -3.54 -0.90 8.61
C PHE A 200 -2.86 -0.41 9.91
N GLY A 201 -3.27 -0.96 11.06
CA GLY A 201 -2.64 -0.65 12.33
C GLY A 201 -1.17 -1.01 12.31
N VAL A 202 -0.85 -2.18 11.73
CA VAL A 202 0.54 -2.64 11.59
C VAL A 202 1.26 -1.68 10.63
N CYS A 203 0.59 -1.29 9.53
CA CYS A 203 1.20 -0.38 8.54
C CYS A 203 1.50 0.98 9.17
N MET A 204 0.59 1.49 10.03
CA MET A 204 0.82 2.76 10.73
C MET A 204 2.04 2.63 11.65
N TRP A 205 2.16 1.50 12.37
CA TRP A 205 3.30 1.23 13.24
C TRP A 205 4.60 1.26 12.42
N GLU A 206 4.60 0.63 11.22
CA GLU A 206 5.79 0.61 10.36
C GLU A 206 6.22 2.00 9.94
N ILE A 207 5.25 2.90 9.65
CA ILE A 207 5.54 4.28 9.24
C ILE A 207 6.21 5.01 10.39
N LEU A 208 5.61 4.97 11.61
CA LEU A 208 6.15 5.65 12.77
C LEU A 208 7.49 5.04 13.24
N MET A 209 7.79 3.79 12.83
CA MET A 209 9.07 3.14 13.08
C MET A 209 10.11 3.42 11.97
N HIS A 210 9.77 4.26 10.98
CA HIS A 210 10.64 4.63 9.87
C HIS A 210 11.02 3.45 8.95
N GLY A 211 10.05 2.61 8.64
CA GLY A 211 10.25 1.47 7.73
C GLY A 211 10.89 0.24 8.32
N VAL A 212 10.74 0.01 9.64
CA VAL A 212 11.25 -1.20 10.29
C VAL A 212 10.08 -2.21 10.23
N LYS A 213 10.36 -3.48 9.91
CA LYS A 213 9.32 -4.52 9.82
C LYS A 213 8.83 -4.95 11.19
N PRO A 214 7.55 -5.35 11.33
CA PRO A 214 7.07 -5.82 12.63
C PRO A 214 7.61 -7.21 12.97
N PHE A 215 7.69 -7.54 14.28
CA PHE A 215 8.13 -8.82 14.80
C PHE A 215 9.47 -9.32 14.21
N GLN A 216 10.48 -8.44 14.12
CA GLN A 216 11.80 -8.83 13.61
C GLN A 216 12.43 -9.85 14.57
N GLY A 217 13.02 -10.91 14.00
CA GLY A 217 13.66 -11.97 14.77
C GLY A 217 12.71 -12.99 15.41
N VAL A 218 11.38 -12.91 15.12
CA VAL A 218 10.38 -13.83 15.66
C VAL A 218 9.89 -14.72 14.51
N LYS A 219 9.72 -16.03 14.75
CA LYS A 219 9.23 -16.95 13.71
C LYS A 219 7.74 -16.72 13.44
N ASN A 220 7.29 -16.89 12.18
CA ASN A 220 5.87 -16.72 11.79
C ASN A 220 4.92 -17.56 12.64
N ASN A 221 5.30 -18.80 12.97
CA ASN A 221 4.48 -19.71 13.77
C ASN A 221 4.26 -19.21 15.21
N ASP A 222 5.17 -18.37 15.75
CA ASP A 222 5.08 -17.84 17.12
C ASP A 222 4.39 -16.46 17.24
N VAL A 223 3.99 -15.85 16.11
CA VAL A 223 3.31 -14.54 16.08
C VAL A 223 1.93 -14.67 16.71
N ILE A 224 1.26 -15.77 16.39
CA ILE A 224 -0.11 -16.07 16.81
C ILE A 224 -0.13 -16.21 18.34
N GLY A 225 0.84 -16.95 18.87
CA GLY A 225 0.98 -17.18 20.31
C GLY A 225 1.19 -15.90 21.09
N ARG A 226 2.06 -14.99 20.60
CA ARG A 226 2.34 -13.72 21.27
C ARG A 226 1.09 -12.83 21.29
N ILE A 227 0.39 -12.71 20.15
CA ILE A 227 -0.86 -11.93 20.03
C ILE A 227 -1.92 -12.47 21.01
N GLU A 228 -2.09 -13.80 21.07
CA GLU A 228 -3.06 -14.43 21.98
C GLU A 228 -2.70 -14.26 23.47
N ASN A 229 -1.40 -14.05 23.78
CA ASN A 229 -0.94 -13.76 25.15
C ASN A 229 -1.10 -12.27 25.52
N GLY A 230 -1.73 -11.48 24.65
CA GLY A 230 -1.94 -10.05 24.87
C GLY A 230 -0.78 -9.16 24.45
N GLU A 231 0.32 -9.74 23.90
CA GLU A 231 1.45 -8.91 23.50
C GLU A 231 1.12 -8.13 22.24
N ARG A 232 1.66 -6.92 22.13
CA ARG A 232 1.43 -6.07 20.98
C ARG A 232 2.72 -5.39 20.59
N LEU A 233 2.81 -4.95 19.31
CA LEU A 233 3.99 -4.21 18.85
C LEU A 233 4.13 -2.98 19.76
N PRO A 234 5.33 -2.63 20.26
CA PRO A 234 5.43 -1.52 21.23
C PRO A 234 5.28 -0.12 20.65
N MET A 235 5.18 0.89 21.54
CA MET A 235 5.04 2.28 21.11
C MET A 235 6.30 2.69 20.36
N PRO A 236 6.25 3.13 19.08
CA PRO A 236 7.49 3.55 18.41
C PRO A 236 8.18 4.75 19.08
N PRO A 237 9.53 4.79 19.14
CA PRO A 237 10.20 5.98 19.73
C PRO A 237 9.69 7.30 19.16
N ASN A 238 9.38 8.27 20.03
CA ASN A 238 8.89 9.59 19.65
C ASN A 238 7.50 9.58 18.96
N CYS A 239 6.70 8.53 19.13
CA CYS A 239 5.35 8.47 18.53
C CYS A 239 4.41 9.13 19.54
N PRO A 240 3.47 10.02 19.15
CA PRO A 240 2.56 10.58 20.16
C PRO A 240 1.70 9.48 20.79
N PRO A 241 1.53 9.45 22.13
CA PRO A 241 0.68 8.41 22.74
C PRO A 241 -0.74 8.31 22.14
N THR A 242 -1.34 9.44 21.69
CA THR A 242 -2.67 9.38 21.06
C THR A 242 -2.65 8.55 19.75
N LEU A 243 -1.56 8.64 18.97
CA LEU A 243 -1.43 7.91 17.72
C LEU A 243 -1.16 6.42 17.97
N TYR A 244 -0.28 6.10 18.94
CA TYR A 244 -0.04 4.70 19.29
C TYR A 244 -1.33 4.10 19.88
N SER A 245 -2.08 4.88 20.67
CA SER A 245 -3.36 4.42 21.23
C SER A 245 -4.33 4.06 20.08
N LEU A 246 -4.32 4.82 18.98
CA LEU A 246 -5.13 4.50 17.81
C LEU A 246 -4.68 3.17 17.18
N MET A 247 -3.35 2.95 17.08
CA MET A 247 -2.85 1.68 16.52
C MET A 247 -3.34 0.50 17.37
N THR A 248 -3.29 0.61 18.71
CA THR A 248 -3.73 -0.47 19.59
C THR A 248 -5.23 -0.80 19.45
N LYS A 249 -6.08 0.19 19.08
CA LYS A 249 -7.50 -0.06 18.86
C LYS A 249 -7.70 -0.91 17.61
N CYS A 250 -6.82 -0.77 16.59
CA CYS A 250 -6.83 -1.60 15.38
C CYS A 250 -6.50 -3.03 15.74
N TRP A 251 -5.69 -3.25 16.80
CA TRP A 251 -5.28 -4.59 17.24
C TRP A 251 -6.16 -5.20 18.35
N ALA A 252 -7.47 -4.91 18.36
CA ALA A 252 -8.38 -5.60 19.29
C ALA A 252 -8.51 -7.01 18.72
N TYR A 253 -8.41 -8.04 19.58
CA TYR A 253 -8.53 -9.44 19.13
C TYR A 253 -9.87 -9.70 18.44
N ASP A 254 -10.95 -9.14 19.01
CA ASP A 254 -12.30 -9.27 18.49
C ASP A 254 -12.45 -8.28 17.33
N PRO A 255 -12.74 -8.75 16.08
CA PRO A 255 -12.87 -7.79 14.95
C PRO A 255 -13.94 -6.72 15.11
N SER A 256 -15.07 -7.04 15.78
CA SER A 256 -16.16 -6.09 15.98
C SER A 256 -15.80 -4.94 16.93
N ARG A 257 -14.74 -5.07 17.76
CA ARG A 257 -14.28 -4.02 18.66
C ARG A 257 -13.27 -3.07 17.99
N ARG A 258 -12.86 -3.35 16.73
CA ARG A 258 -11.91 -2.49 16.02
C ARG A 258 -12.64 -1.30 15.43
N PRO A 259 -11.96 -0.14 15.27
CA PRO A 259 -12.62 1.01 14.65
C PRO A 259 -12.84 0.78 13.17
N ARG A 260 -13.74 1.57 12.59
CA ARG A 260 -14.02 1.52 11.16
C ARG A 260 -13.03 2.44 10.46
N PHE A 261 -12.81 2.28 9.14
CA PHE A 261 -11.88 3.17 8.43
C PHE A 261 -12.32 4.63 8.49
N THR A 262 -13.63 4.92 8.46
CA THR A 262 -14.11 6.29 8.57
C THR A 262 -13.76 6.93 9.93
N GLU A 263 -13.76 6.11 11.01
CA GLU A 263 -13.39 6.58 12.35
C GLU A 263 -11.88 6.82 12.41
N LEU A 264 -11.06 5.90 11.84
CA LEU A 264 -9.59 6.07 11.78
C LEU A 264 -9.23 7.31 10.98
N LYS A 265 -9.95 7.56 9.87
CA LYS A 265 -9.77 8.73 9.01
C LYS A 265 -10.05 10.03 9.79
N ALA A 266 -11.13 10.06 10.59
CA ALA A 266 -11.49 11.25 11.38
C ALA A 266 -10.45 11.47 12.50
N GLN A 267 -10.07 10.39 13.19
CA GLN A 267 -9.09 10.47 14.28
C GLN A 267 -7.69 10.87 13.80
N LEU A 268 -7.25 10.33 12.65
CA LEU A 268 -5.95 10.70 12.08
C LEU A 268 -5.92 12.16 11.65
N SER A 269 -7.07 12.69 11.17
CA SER A 269 -7.16 14.09 10.79
C SER A 269 -7.01 14.98 12.03
N THR A 270 -7.65 14.60 13.16
CA THR A 270 -7.56 15.34 14.43
C THR A 270 -6.10 15.35 14.92
N ILE A 271 -5.42 14.19 14.88
CA ILE A 271 -4.01 14.07 15.30
C ILE A 271 -3.11 14.92 14.39
N LEU A 272 -3.36 14.90 13.05
CA LEU A 272 -2.60 15.67 12.07
C LEU A 272 -2.73 17.16 12.34
N GLU A 273 -3.97 17.65 12.47
CA GLU A 273 -4.24 19.07 12.75
C GLU A 273 -3.69 19.52 14.10
N GLU A 274 -3.68 18.62 15.10
CA GLU A 274 -3.11 18.94 16.42
C GLU A 274 -1.59 19.10 16.28
N GLU A 275 -0.94 18.22 15.47
CA GLU A 275 0.51 18.31 15.23
C GLU A 275 0.85 19.56 14.41
N LYS A 276 0.06 19.88 13.37
CA LYS A 276 0.28 21.07 12.55
C LYS A 276 0.08 22.37 13.35
N ALA A 277 -0.87 22.37 14.32
CA ALA A 277 -1.12 23.54 15.18
C ALA A 277 0.06 23.82 16.13
N GLN A 278 0.81 22.76 16.52
CA GLN A 278 2.00 22.91 17.38
C GLN A 278 3.15 23.64 16.65
N GLN A 279 3.18 23.58 15.31
CA GLN A 279 4.17 24.29 14.49
C GLN A 279 3.67 25.71 14.19
N GLU A 280 2.34 25.88 13.98
CA GLU A 280 1.67 27.17 13.74
C GLU A 280 0.15 26.97 13.71
#